data_3G36
#
_entry.id   3G36
#
_cell.length_a   83.401
_cell.length_b   51.388
_cell.length_c   51.388
_cell.angle_alpha   90.00
_cell.angle_beta   107.58
_cell.angle_gamma   90.00
#
_symmetry.space_group_name_H-M   'C 1 2 1'
#
loop_
_entity.id
_entity.type
_entity.pdbx_description
1 polymer 'Protein dpy-30 homolog'
2 non-polymer (2R,3S)-1,4-DIMERCAPTOBUTANE-2,3-DIOL
3 non-polymer 2,3-DIHYDROXY-1,4-DITHIOBUTANE
4 non-polymer (2S,3S)-1,4-DIMERCAPTOBUTANE-2,3-DIOL
5 non-polymer HEXANE-1,6-DIOL
6 water water
#
_entity_poly.entity_id   1
_entity_poly.type   'polypeptide(L)'
_entity_poly.pdbx_seq_one_letter_code
;KVDLQSLPTRAYLDQTVVPILLQG(MSE)AVLAKERPPNPIEFLASYLLKNKAQFEDRN
;
_entity_poly.pdbx_strand_id   A,B,C,D
#
# COMPACT_ATOMS: atom_id res chain seq x y z
N VAL A 2 5.99 -5.59 19.85
CA VAL A 2 5.97 -5.71 21.34
C VAL A 2 5.25 -6.99 21.76
N ASP A 3 6.01 -8.04 22.06
CA ASP A 3 7.46 -8.09 21.89
C ASP A 3 7.78 -8.45 20.44
N LEU A 4 8.34 -7.48 19.72
CA LEU A 4 8.68 -7.67 18.30
C LEU A 4 9.63 -8.83 18.07
N GLN A 5 10.53 -9.08 19.01
CA GLN A 5 11.50 -10.18 18.86
C GLN A 5 10.86 -11.56 18.84
N SER A 6 9.67 -11.68 19.42
CA SER A 6 8.97 -12.96 19.49
C SER A 6 8.05 -13.27 18.30
N LEU A 7 7.80 -12.26 17.47
CA LEU A 7 6.82 -12.43 16.39
C LEU A 7 7.33 -13.31 15.25
N PRO A 8 6.44 -14.10 14.63
CA PRO A 8 6.84 -14.73 13.39
C PRO A 8 7.24 -13.67 12.34
N THR A 9 8.04 -14.07 11.36
CA THR A 9 8.53 -13.19 10.30
C THR A 9 7.47 -12.23 9.73
N ARG A 10 6.35 -12.79 9.29
CA ARG A 10 5.32 -11.99 8.62
C ARG A 10 4.82 -10.92 9.56
N ALA A 11 4.45 -11.31 10.78
CA ALA A 11 3.97 -10.37 11.78
C ALA A 11 5.03 -9.30 12.18
N TYR A 12 6.29 -9.70 12.29
CA TYR A 12 7.35 -8.74 12.59
C TYR A 12 7.41 -7.64 11.53
N LEU A 13 7.45 -8.06 10.27
CA LEU A 13 7.45 -7.11 9.15
C LEU A 13 6.18 -6.24 9.12
N ASP A 14 5.04 -6.86 9.44
CA ASP A 14 3.77 -6.15 9.50
C ASP A 14 3.78 -5.02 10.51
N GLN A 15 4.45 -5.23 11.62
CA GLN A 15 4.38 -4.27 12.71
C GLN A 15 5.55 -3.30 12.72
N THR A 16 6.41 -3.39 11.72
CA THR A 16 7.56 -2.48 11.61
C THR A 16 7.54 -1.69 10.32
N VAL A 17 7.43 -2.35 9.18
CA VAL A 17 7.67 -1.68 7.90
C VAL A 17 6.54 -1.80 6.89
N VAL A 18 5.62 -2.74 7.02
CA VAL A 18 4.60 -2.86 5.99
C VAL A 18 3.77 -1.58 5.78
N PRO A 19 3.28 -0.95 6.86
CA PRO A 19 2.45 0.25 6.63
C PRO A 19 3.21 1.36 5.90
N ILE A 20 4.41 1.70 6.33
CA ILE A 20 5.13 2.76 5.65
C ILE A 20 5.48 2.35 4.22
N LEU A 21 5.72 1.07 3.98
CA LEU A 21 5.96 0.63 2.62
C LEU A 21 4.74 0.77 1.73
N LEU A 22 3.55 0.46 2.28
CA LEU A 22 2.32 0.63 1.49
C LEU A 22 2.18 2.10 1.08
N GLN A 23 2.37 3.01 2.02
CA GLN A 23 2.24 4.41 1.69
C GLN A 23 3.34 4.89 0.74
N GLY A 24 4.57 4.46 0.98
CA GLY A 24 5.69 4.84 0.12
C GLY A 24 5.48 4.37 -1.30
N ALA A 26 2.52 3.79 -2.66
CA ALA A 26 1.44 4.64 -3.21
C ALA A 26 2.02 5.90 -3.84
N VAL A 27 2.91 6.55 -3.12
CA VAL A 27 3.51 7.80 -3.58
C VAL A 27 4.45 7.53 -4.77
N LEU A 28 5.24 6.47 -4.68
CA LEU A 28 6.06 6.05 -5.80
C LEU A 28 5.23 5.80 -7.07
N ALA A 29 4.09 5.15 -6.92
CA ALA A 29 3.23 4.83 -8.05
C ALA A 29 2.58 6.08 -8.66
N LYS A 30 2.29 7.06 -7.81
CA LYS A 30 1.74 8.33 -8.29
C LYS A 30 2.80 9.13 -9.05
N GLU A 31 4.02 9.17 -8.54
CA GLU A 31 5.03 10.07 -9.05
C GLU A 31 5.92 9.48 -10.15
N ARG A 32 6.09 8.16 -10.15
CA ARG A 32 6.84 7.44 -11.19
C ARG A 32 8.21 8.07 -11.46
N PRO A 33 9.03 8.24 -10.40
CA PRO A 33 10.32 8.92 -10.52
C PRO A 33 11.37 8.08 -11.25
N PRO A 34 12.44 8.73 -11.76
CA PRO A 34 13.46 8.00 -12.52
C PRO A 34 14.30 7.04 -11.67
N ASN A 35 14.32 7.26 -10.37
CA ASN A 35 15.15 6.50 -9.44
C ASN A 35 14.28 5.89 -8.34
N PRO A 36 13.44 4.89 -8.69
CA PRO A 36 12.42 4.43 -7.75
C PRO A 36 12.96 3.89 -6.40
N ILE A 37 14.05 3.11 -6.42
CA ILE A 37 14.55 2.54 -5.17
C ILE A 37 15.08 3.63 -4.24
N GLU A 38 15.87 4.53 -4.80
CA GLU A 38 16.36 5.66 -4.07
C GLU A 38 15.22 6.54 -3.53
N PHE A 39 14.25 6.83 -4.39
CA PHE A 39 13.07 7.59 -4.00
C PHE A 39 12.39 6.93 -2.79
N LEU A 40 12.19 5.62 -2.88
CA LEU A 40 11.53 4.92 -1.76
C LEU A 40 12.33 4.99 -0.45
N ALA A 41 13.65 4.82 -0.56
CA ALA A 41 14.51 4.94 0.61
C ALA A 41 14.43 6.31 1.25
N SER A 42 14.51 7.36 0.43
CA SER A 42 14.35 8.72 0.93
C SER A 42 12.97 8.94 1.57
N TYR A 43 11.94 8.37 0.96
CA TYR A 43 10.57 8.48 1.48
C TYR A 43 10.47 7.89 2.87
N LEU A 44 11.05 6.72 3.05
CA LEU A 44 11.04 6.06 4.34
C LEU A 44 11.71 6.91 5.41
N LEU A 45 12.87 7.46 5.07
CA LEU A 45 13.60 8.29 6.04
C LEU A 45 12.84 9.56 6.39
N LYS A 46 12.21 10.18 5.39
CA LYS A 46 11.48 11.41 5.59
C LYS A 46 10.20 11.22 6.42
N ASN A 47 9.53 10.08 6.23
CA ASN A 47 8.18 9.88 6.76
C ASN A 47 8.05 8.90 7.90
N LYS A 48 9.20 8.48 8.44
CA LYS A 48 9.23 7.42 9.46
C LYS A 48 8.43 7.76 10.72
N ALA A 49 8.43 9.03 11.12
CA ALA A 49 7.70 9.45 12.33
C ALA A 49 6.20 9.11 12.29
N GLN A 50 5.59 9.17 11.10
CA GLN A 50 4.18 8.80 10.94
C GLN A 50 3.89 7.33 11.26
N PHE A 51 4.91 6.48 11.16
CA PHE A 51 4.74 5.03 11.26
C PHE A 51 5.46 4.40 12.43
N GLU A 52 6.05 5.29 13.24
CA GLU A 52 6.51 5.10 14.63
C GLU A 52 8.03 5.12 14.84
N ASP A 53 8.80 5.26 13.75
CA ASP A 53 10.23 5.60 13.89
C ASP A 53 10.41 7.10 13.91
N VAL B 2 -4.45 10.77 -18.49
CA VAL B 2 -4.60 9.48 -19.23
C VAL B 2 -6.03 9.30 -19.75
N ASP B 3 -6.14 8.78 -20.98
CA ASP B 3 -7.42 8.36 -21.52
C ASP B 3 -7.76 7.02 -20.88
N LEU B 4 -8.58 7.06 -19.83
CA LEU B 4 -8.88 5.86 -19.05
C LEU B 4 -9.70 4.85 -19.84
N GLN B 5 -10.53 5.36 -20.76
CA GLN B 5 -11.40 4.54 -21.60
C GLN B 5 -10.63 3.61 -22.53
N SER B 6 -9.38 3.96 -22.82
CA SER B 6 -8.53 3.15 -23.68
C SER B 6 -7.79 2.05 -22.91
N LEU B 7 -7.87 2.08 -21.59
CA LEU B 7 -7.11 1.13 -20.78
C LEU B 7 -7.84 -0.18 -20.59
N PRO B 8 -7.12 -1.30 -20.67
CA PRO B 8 -7.70 -2.57 -20.24
C PRO B 8 -8.04 -2.51 -18.74
N THR B 9 -8.90 -3.40 -18.29
CA THR B 9 -9.39 -3.41 -16.91
C THR B 9 -8.30 -3.26 -15.86
N ARG B 10 -7.27 -4.09 -15.93
CA ARG B 10 -6.30 -4.09 -14.88
C ARG B 10 -5.52 -2.76 -14.84
N ALA B 11 -5.19 -2.23 -15.99
CA ALA B 11 -4.52 -0.94 -16.07
C ALA B 11 -5.44 0.18 -15.57
N TYR B 12 -6.73 0.10 -15.88
CA TYR B 12 -7.69 1.09 -15.44
C TYR B 12 -7.71 1.12 -13.91
N LEU B 13 -7.84 -0.06 -13.28
CA LEU B 13 -7.85 -0.15 -11.82
C LEU B 13 -6.53 0.35 -11.24
N ASP B 14 -5.43 -0.11 -11.82
CA ASP B 14 -4.11 0.28 -11.34
C ASP B 14 -3.86 1.77 -11.40
N GLN B 15 -4.36 2.43 -12.43
CA GLN B 15 -4.10 3.84 -12.55
C GLN B 15 -5.04 4.71 -11.74
N THR B 16 -6.25 4.21 -11.47
CA THR B 16 -7.29 5.04 -10.83
C THR B 16 -7.34 4.87 -9.32
N VAL B 17 -7.36 3.62 -8.84
CA VAL B 17 -7.63 3.37 -7.42
C VAL B 17 -6.54 2.68 -6.66
N VAL B 18 -5.66 1.95 -7.32
CA VAL B 18 -4.67 1.20 -6.55
C VAL B 18 -3.75 2.08 -5.67
N PRO B 19 -3.19 3.17 -6.22
CA PRO B 19 -2.31 3.97 -5.34
C PRO B 19 -3.00 4.52 -4.09
N ILE B 20 -4.17 5.15 -4.22
CA ILE B 20 -4.83 5.67 -3.02
C ILE B 20 -5.21 4.54 -2.06
N LEU B 21 -5.58 3.38 -2.59
CA LEU B 21 -5.88 2.23 -1.72
C LEU B 21 -4.66 1.79 -0.92
N LEU B 22 -3.48 1.78 -1.55
CA LEU B 22 -2.28 1.45 -0.80
C LEU B 22 -2.07 2.39 0.37
N GLN B 23 -2.20 3.69 0.11
CA GLN B 23 -2.05 4.66 1.18
C GLN B 23 -3.15 4.53 2.23
N GLY B 24 -4.42 4.38 1.80
CA GLY B 24 -5.53 4.26 2.76
C GLY B 24 -5.37 3.02 3.64
N ALA B 26 -2.49 1.68 4.44
CA ALA B 26 -1.38 1.96 5.35
C ALA B 26 -1.92 2.67 6.58
N VAL B 27 -2.77 3.68 6.34
CA VAL B 27 -3.34 4.48 7.43
C VAL B 27 -4.31 3.66 8.30
N LEU B 28 -5.16 2.85 7.65
CA LEU B 28 -6.03 1.94 8.37
C LEU B 28 -5.25 1.04 9.30
N ALA B 29 -4.18 0.47 8.77
CA ALA B 29 -3.37 -0.46 9.57
C ALA B 29 -2.73 0.22 10.76
N LYS B 30 -2.25 1.43 10.54
CA LYS B 30 -1.62 2.18 11.61
C LYS B 30 -2.62 2.64 12.67
N GLU B 31 -3.79 3.14 12.24
CA GLU B 31 -4.74 3.78 13.13
C GLU B 31 -5.76 2.84 13.78
N ARG B 32 -6.08 1.72 13.14
CA ARG B 32 -7.02 0.73 13.66
C ARG B 32 -8.32 1.39 14.15
N PRO B 33 -9.01 2.13 13.27
CA PRO B 33 -10.26 2.82 13.66
C PRO B 33 -11.41 1.83 13.88
N PRO B 34 -12.44 2.24 14.63
CA PRO B 34 -13.59 1.36 14.97
C PRO B 34 -14.40 0.72 13.83
N ASN B 35 -14.65 1.49 12.77
CA ASN B 35 -15.48 1.09 11.61
C ASN B 35 -14.59 1.17 10.36
N PRO B 36 -13.74 0.17 10.16
CA PRO B 36 -12.67 0.32 9.14
C PRO B 36 -13.15 0.53 7.71
N ILE B 37 -14.24 -0.10 7.31
CA ILE B 37 -14.73 0.11 5.95
C ILE B 37 -15.17 1.55 5.76
N GLU B 38 -15.93 2.04 6.73
CA GLU B 38 -16.40 3.42 6.69
C GLU B 38 -15.22 4.38 6.72
N PHE B 39 -14.25 4.11 7.58
CA PHE B 39 -13.06 4.95 7.66
C PHE B 39 -12.34 5.01 6.31
N LEU B 40 -12.18 3.85 5.67
CA LEU B 40 -11.48 3.80 4.39
C LEU B 40 -12.25 4.55 3.31
N ALA B 41 -13.57 4.40 3.29
CA ALA B 41 -14.36 5.10 2.29
C ALA B 41 -14.19 6.62 2.45
N SER B 42 -14.29 7.10 3.69
CA SER B 42 -14.13 8.51 3.96
C SER B 42 -12.72 8.96 3.60
N TYR B 43 -11.74 8.10 3.88
CA TYR B 43 -10.37 8.40 3.57
C TYR B 43 -10.20 8.63 2.07
N LEU B 44 -10.80 7.78 1.26
CA LEU B 44 -10.74 7.90 -0.18
C LEU B 44 -11.30 9.25 -0.65
N LEU B 45 -12.44 9.66 -0.09
CA LEU B 45 -13.03 10.96 -0.46
C LEU B 45 -12.12 12.12 -0.05
N LYS B 46 -11.57 12.02 1.15
CA LYS B 46 -10.75 13.11 1.69
C LYS B 46 -9.40 13.26 1.00
N ASN B 47 -8.85 12.15 0.50
CA ASN B 47 -7.51 12.14 -0.04
C ASN B 47 -7.42 11.98 -1.55
N LYS B 48 -8.57 11.86 -2.21
CA LYS B 48 -8.53 11.65 -3.65
C LYS B 48 -7.83 12.77 -4.41
N ALA B 49 -7.92 14.02 -3.92
CA ALA B 49 -7.25 15.14 -4.62
C ALA B 49 -5.73 14.93 -4.71
N GLN B 50 -5.15 14.26 -3.73
CA GLN B 50 -3.72 13.95 -3.76
C GLN B 50 -3.37 12.98 -4.90
N PHE B 51 -4.33 12.15 -5.29
CA PHE B 51 -4.10 11.01 -6.18
C PHE B 51 -4.73 11.12 -7.55
N GLU B 52 -5.39 12.23 -7.82
CA GLU B 52 -6.08 12.41 -9.10
C GLU B 52 -5.07 12.77 -10.20
N VAL C 2 11.56 -3.72 -19.54
CA VAL C 2 12.39 -2.70 -20.24
C VAL C 2 11.65 -1.37 -20.30
N ASP C 3 10.53 -1.34 -21.01
CA ASP C 3 9.69 -0.15 -21.09
C ASP C 3 8.76 -0.07 -19.88
N LEU C 4 9.27 0.57 -18.82
CA LEU C 4 8.53 0.74 -17.56
C LEU C 4 7.26 1.56 -17.73
N GLN C 5 7.26 2.48 -18.71
CA GLN C 5 6.12 3.35 -19.00
C GLN C 5 4.88 2.57 -19.43
N SER C 6 5.09 1.37 -19.96
CA SER C 6 3.98 0.50 -20.34
C SER C 6 3.42 -0.33 -19.17
N LEU C 7 4.03 -0.22 -17.99
CA LEU C 7 3.62 -1.03 -16.84
C LEU C 7 2.69 -0.26 -15.89
N PRO C 8 1.46 -0.77 -15.70
CA PRO C 8 0.57 -0.14 -14.71
C PRO C 8 1.10 -0.31 -13.26
N THR C 9 0.54 0.46 -12.32
CA THR C 9 0.96 0.50 -10.93
C THR C 9 1.54 -0.78 -10.38
N ARG C 10 0.77 -1.87 -10.40
CA ARG C 10 1.23 -3.11 -9.77
C ARG C 10 2.43 -3.73 -10.50
N ALA C 11 2.37 -3.83 -11.83
CA ALA C 11 3.53 -4.32 -12.60
C ALA C 11 4.74 -3.44 -12.39
N TYR C 12 4.53 -2.12 -12.36
CA TYR C 12 5.58 -1.13 -12.17
C TYR C 12 6.29 -1.33 -10.83
N LEU C 13 5.50 -1.47 -9.77
CA LEU C 13 6.07 -1.67 -8.44
C LEU C 13 6.82 -2.99 -8.40
N ASP C 14 6.23 -4.03 -8.99
CA ASP C 14 6.80 -5.37 -9.02
C ASP C 14 8.14 -5.37 -9.71
N GLN C 15 8.30 -4.54 -10.73
CA GLN C 15 9.52 -4.55 -11.54
C GLN C 15 10.61 -3.72 -10.86
N THR C 16 10.21 -2.64 -10.20
CA THR C 16 11.15 -1.62 -9.70
C THR C 16 11.62 -1.80 -8.25
N VAL C 17 10.68 -2.06 -7.33
CA VAL C 17 10.99 -2.11 -5.91
C VAL C 17 10.69 -3.42 -5.19
N VAL C 18 9.77 -4.25 -5.68
CA VAL C 18 9.43 -5.46 -4.94
C VAL C 18 10.62 -6.42 -4.75
N PRO C 19 11.44 -6.64 -5.81
CA PRO C 19 12.53 -7.61 -5.61
C PRO C 19 13.49 -7.21 -4.49
N ILE C 20 13.94 -5.95 -4.48
CA ILE C 20 14.86 -5.53 -3.44
C ILE C 20 14.15 -5.45 -2.07
N LEU C 21 12.86 -5.12 -2.09
CA LEU C 21 12.11 -5.15 -0.84
C LEU C 21 12.04 -6.54 -0.24
N LEU C 22 11.82 -7.57 -1.05
CA LEU C 22 11.75 -8.93 -0.53
C LEU C 22 13.08 -9.30 0.11
N GLN C 23 14.16 -8.96 -0.57
CA GLN C 23 15.51 -9.27 -0.08
C GLN C 23 15.83 -8.52 1.22
N GLY C 24 15.53 -7.22 1.23
CA GLY C 24 15.79 -6.37 2.40
C GLY C 24 14.92 -6.72 3.57
N ALA C 26 13.77 -9.73 4.19
CA ALA C 26 14.26 -10.98 4.75
C ALA C 26 15.43 -10.71 5.69
N VAL C 27 16.34 -9.83 5.27
CA VAL C 27 17.47 -9.46 6.11
C VAL C 27 16.96 -8.77 7.39
N LEU C 28 16.04 -7.81 7.24
CA LEU C 28 15.47 -7.13 8.37
C LEU C 28 14.86 -8.11 9.38
N ALA C 29 14.11 -9.08 8.88
CA ALA C 29 13.44 -10.03 9.78
C ALA C 29 14.44 -10.95 10.49
N LYS C 30 15.63 -11.10 9.93
CA LYS C 30 16.68 -11.90 10.56
C LYS C 30 17.46 -11.06 11.57
N GLU C 31 17.69 -9.80 11.26
CA GLU C 31 18.49 -8.90 12.11
C GLU C 31 17.68 -8.31 13.25
N ARG C 32 16.41 -7.98 12.97
CA ARG C 32 15.51 -7.32 13.93
C ARG C 32 16.19 -6.21 14.72
N PRO C 33 16.70 -5.21 14.00
CA PRO C 33 17.53 -4.16 14.56
C PRO C 33 16.70 -3.10 15.32
N PRO C 34 17.36 -2.25 16.11
CA PRO C 34 16.64 -1.25 16.89
C PRO C 34 15.85 -0.21 16.09
N ASN C 35 16.26 0.07 14.86
CA ASN C 35 15.52 1.01 14.03
C ASN C 35 15.19 0.39 12.67
N PRO C 36 14.05 -0.33 12.60
CA PRO C 36 13.77 -1.13 11.40
C PRO C 36 13.58 -0.29 10.16
N ILE C 37 12.94 0.86 10.29
CA ILE C 37 12.73 1.70 9.10
C ILE C 37 14.05 2.26 8.56
N GLU C 38 14.89 2.81 9.44
CA GLU C 38 16.20 3.30 9.03
C GLU C 38 17.04 2.18 8.45
N PHE C 39 16.99 1.00 9.05
CA PHE C 39 17.73 -0.14 8.56
C PHE C 39 17.30 -0.48 7.13
N LEU C 40 16.00 -0.54 6.88
CA LEU C 40 15.53 -0.92 5.57
C LEU C 40 15.88 0.15 4.53
N ALA C 41 15.73 1.42 4.86
CA ALA C 41 16.07 2.49 3.93
C ALA C 41 17.55 2.39 3.57
N SER C 42 18.42 2.19 4.57
CA SER C 42 19.86 2.05 4.34
C SER C 42 20.12 0.82 3.47
N TYR C 43 19.45 -0.30 3.74
CA TYR C 43 19.58 -1.49 2.93
C TYR C 43 19.29 -1.20 1.46
N LEU C 44 18.23 -0.45 1.18
CA LEU C 44 17.85 -0.15 -0.20
C LEU C 44 18.96 0.60 -0.92
N LEU C 45 19.51 1.61 -0.26
CA LEU C 45 20.60 2.37 -0.86
C LEU C 45 21.86 1.54 -1.08
N LYS C 46 22.17 0.70 -0.11
CA LYS C 46 23.40 -0.11 -0.17
C LYS C 46 23.33 -1.22 -1.22
N ASN C 47 22.11 -1.65 -1.54
CA ASN C 47 21.93 -2.83 -2.39
C ASN C 47 21.24 -2.57 -3.71
N LYS C 48 20.86 -1.32 -3.96
CA LYS C 48 20.13 -1.03 -5.19
C LYS C 48 20.92 -1.30 -6.47
N ALA C 49 22.25 -1.28 -6.38
CA ALA C 49 23.10 -1.55 -7.54
C ALA C 49 22.88 -2.95 -8.11
N GLN C 50 22.58 -3.93 -7.24
CA GLN C 50 22.28 -5.31 -7.66
C GLN C 50 21.06 -5.39 -8.56
N PHE C 51 20.21 -4.37 -8.47
CA PHE C 51 18.96 -4.34 -9.22
C PHE C 51 19.05 -3.29 -10.31
N GLU C 52 20.28 -3.07 -10.79
CA GLU C 52 20.60 -2.24 -11.96
C GLU C 52 20.18 -0.78 -11.84
N VAL D 2 -11.73 -12.48 15.56
CA VAL D 2 -12.69 -11.64 16.36
C VAL D 2 -11.97 -10.45 17.00
N ASP D 3 -10.84 -10.71 17.64
CA ASP D 3 -10.03 -9.65 18.26
C ASP D 3 -9.13 -9.07 17.18
N LEU D 4 -9.56 -7.96 16.59
CA LEU D 4 -8.83 -7.35 15.48
C LEU D 4 -7.48 -6.77 15.90
N GLN D 5 -7.31 -6.42 17.17
CA GLN D 5 -6.01 -5.92 17.64
C GLN D 5 -5.07 -7.03 18.08
N SER D 6 -5.48 -8.27 17.86
CA SER D 6 -4.55 -9.39 17.91
C SER D 6 -3.95 -9.64 16.52
N LEU D 7 -4.47 -8.92 15.52
CA LEU D 7 -4.06 -9.15 14.13
C LEU D 7 -2.97 -8.20 13.65
N PRO D 8 -1.88 -8.74 13.12
CA PRO D 8 -0.88 -7.89 12.47
C PRO D 8 -1.42 -7.27 11.18
N THR D 9 -0.76 -6.22 10.70
CA THR D 9 -1.18 -5.43 9.54
C THR D 9 -1.89 -6.19 8.42
N ARG D 10 -1.24 -7.18 7.83
CA ARG D 10 -1.83 -7.80 6.65
C ARG D 10 -3.08 -8.62 6.97
N ALA D 11 -3.04 -9.37 8.07
CA ALA D 11 -4.21 -10.13 8.51
C ALA D 11 -5.36 -9.19 8.84
N TYR D 12 -5.03 -8.07 9.50
CA TYR D 12 -6.03 -7.07 9.86
C TYR D 12 -6.72 -6.50 8.61
N LEU D 13 -5.93 -6.13 7.60
CA LEU D 13 -6.49 -5.62 6.35
C LEU D 13 -7.30 -6.68 5.62
N ASP D 14 -6.81 -7.91 5.64
CA ASP D 14 -7.54 -9.00 5.00
C ASP D 14 -8.90 -9.27 5.64
N GLN D 15 -8.96 -9.18 6.96
CA GLN D 15 -10.17 -9.44 7.70
C GLN D 15 -11.19 -8.30 7.56
N THR D 16 -10.73 -7.07 7.38
CA THR D 16 -11.62 -5.92 7.42
C THR D 16 -12.06 -5.42 6.05
N VAL D 17 -11.13 -5.27 5.12
CA VAL D 17 -11.42 -4.53 3.89
C VAL D 17 -11.15 -5.28 2.60
N VAL D 18 -10.34 -6.33 2.61
CA VAL D 18 -9.98 -6.93 1.34
C VAL D 18 -11.21 -7.46 0.54
N PRO D 19 -12.11 -8.23 1.17
CA PRO D 19 -13.24 -8.75 0.37
C PRO D 19 -14.12 -7.66 -0.23
N ILE D 20 -14.44 -6.63 0.54
CA ILE D 20 -15.26 -5.58 -0.03
C ILE D 20 -14.52 -4.80 -1.10
N LEU D 21 -13.21 -4.62 -0.95
CA LEU D 21 -12.42 -3.95 -2.00
C LEU D 21 -12.40 -4.73 -3.31
N LEU D 22 -12.28 -6.06 -3.21
CA LEU D 22 -12.33 -6.87 -4.43
C LEU D 22 -13.71 -6.74 -5.07
N GLN D 23 -14.77 -6.72 -4.26
CA GLN D 23 -16.10 -6.52 -4.81
C GLN D 23 -16.24 -5.14 -5.49
N GLY D 24 -15.82 -4.09 -4.80
CA GLY D 24 -15.90 -2.74 -5.39
C GLY D 24 -15.08 -2.62 -6.65
N ALA D 26 -14.36 -5.08 -8.74
CA ALA D 26 -15.10 -5.78 -9.76
C ALA D 26 -16.18 -4.90 -10.38
N VAL D 27 -16.91 -4.16 -9.56
CA VAL D 27 -17.96 -3.28 -10.06
C VAL D 27 -17.32 -2.15 -10.89
N LEU D 28 -16.20 -1.59 -10.44
CA LEU D 28 -15.47 -0.62 -11.26
C LEU D 28 -15.10 -1.19 -12.62
N ALA D 29 -14.66 -2.43 -12.64
CA ALA D 29 -14.26 -3.10 -13.88
C ALA D 29 -15.44 -3.23 -14.84
N LYS D 30 -16.62 -3.47 -14.29
CA LYS D 30 -17.80 -3.66 -15.11
C LYS D 30 -18.38 -2.31 -15.59
N GLU D 31 -18.47 -1.34 -14.69
CA GLU D 31 -19.19 -0.10 -14.96
C GLU D 31 -18.31 0.99 -15.53
N ARG D 32 -17.01 0.95 -15.22
CA ARG D 32 -16.06 1.94 -15.72
C ARG D 32 -16.57 3.40 -15.53
N PRO D 33 -16.89 3.79 -14.28
CA PRO D 33 -17.40 5.15 -14.05
C PRO D 33 -16.32 6.22 -14.27
N PRO D 34 -16.72 7.48 -14.52
CA PRO D 34 -15.73 8.53 -14.78
C PRO D 34 -15.01 9.03 -13.53
N ASN D 35 -15.57 8.72 -12.37
CA ASN D 35 -15.05 9.17 -11.05
C ASN D 35 -14.75 7.98 -10.15
N PRO D 36 -13.79 7.13 -10.55
CA PRO D 36 -13.66 5.83 -9.88
C PRO D 36 -13.35 5.86 -8.39
N ILE D 37 -12.51 6.80 -7.91
CA ILE D 37 -12.23 6.84 -6.48
C ILE D 37 -13.50 7.19 -5.69
N GLU D 38 -14.22 8.19 -6.14
CA GLU D 38 -15.49 8.54 -5.49
C GLU D 38 -16.52 7.42 -5.56
N PHE D 39 -16.60 6.81 -6.74
CA PHE D 39 -17.51 5.72 -6.95
C PHE D 39 -17.21 4.56 -5.99
N LEU D 40 -15.92 4.24 -5.85
CA LEU D 40 -15.52 3.15 -4.94
C LEU D 40 -15.84 3.49 -3.50
N ALA D 41 -15.56 4.73 -3.08
CA ALA D 41 -15.88 5.16 -1.73
C ALA D 41 -17.38 5.03 -1.44
N SER D 42 -18.19 5.49 -2.38
CA SER D 42 -19.64 5.39 -2.24
C SER D 42 -20.07 3.93 -2.19
N TYR D 43 -19.46 3.10 -3.03
CA TYR D 43 -19.79 1.68 -3.06
C TYR D 43 -19.53 1.05 -1.71
N LEU D 44 -18.38 1.35 -1.11
CA LEU D 44 -18.07 0.84 0.23
C LEU D 44 -19.12 1.24 1.26
N LEU D 45 -19.48 2.51 1.26
CA LEU D 45 -20.48 2.97 2.23
C LEU D 45 -21.83 2.27 2.01
N LYS D 46 -22.22 2.14 0.75
CA LYS D 46 -23.55 1.61 0.41
C LYS D 46 -23.66 0.12 0.65
N ASN D 47 -22.53 -0.58 0.58
CA ASN D 47 -22.52 -2.04 0.62
C ASN D 47 -21.84 -2.66 1.83
N LYS D 48 -21.35 -1.81 2.75
CA LYS D 48 -20.62 -2.36 3.87
C LYS D 48 -21.48 -3.25 4.75
N ALA D 49 -22.80 -3.02 4.77
CA ALA D 49 -23.70 -3.87 5.54
C ALA D 49 -23.54 -5.34 5.17
N GLN D 50 -23.22 -5.63 3.90
CA GLN D 50 -23.06 -7.02 3.43
C GLN D 50 -21.75 -7.65 3.89
N PHE D 51 -20.83 -6.84 4.41
CA PHE D 51 -19.47 -7.28 4.75
C PHE D 51 -19.09 -7.08 6.21
N GLU D 52 -20.08 -6.77 7.04
CA GLU D 52 -19.87 -6.51 8.47
C GLU D 52 -20.74 -7.41 9.33
#